data_9H4O
#
_entry.id   9H4O
#
_cell.length_a   61.187
_cell.length_b   59.064
_cell.length_c   71.185
_cell.angle_alpha   90
_cell.angle_beta   101.82
_cell.angle_gamma   90
#
_symmetry.space_group_name_H-M   'P 1 21 1'
#
loop_
_entity.id
_entity.type
_entity.pdbx_description
1 polymer Interleukin-17A
2 non-polymer 'SULFATE ION'
3 non-polymer (E)-N-[(1S)-1-[4,4-bis(fluoranyl)cyclohexyl]-2-oxidanylidene-2-[[5-[[(4S)-2-oxidanylidene-4-(trifluoromethyl)imidazolidin-1-yl]methyl]-1,3-thiazol-2-yl]amino]ethyl]-3-cyclopropyl-2-fluoranyl-prop-2-enamide
4 water water
#
_entity_poly.entity_id   1
_entity_poly.type   'polypeptide(L)'
_entity_poly.pdbx_seq_one_letter_code
;MPNSEDKNFPRTVMVNLNIHNRNTNTNPKRSSDYYNRSTSPWNLHRNEDPERYPSVIWEAKCRHLGCINADGNVDYHMNS
VPIQQEILVLRREPPHSPNSFRLEKILVSVGCTCVTPIVHHVA
;
_entity_poly.pdbx_strand_id   A,B,C,D
#
loop_
_chem_comp.id
_chem_comp.type
_chem_comp.name
_chem_comp.formula
A1ISG non-polymer (E)-N-[(1S)-1-[4,4-bis(fluoranyl)cyclohexyl]-2-oxidanylidene-2-[[5-[[(4S)-2-oxidanylidene-4-(trifluoromethyl)imidazolidin-1-yl]methyl]-1,3-thiazol-2-yl]amino]ethyl]-3-cyclopropyl-2-fluoranyl-prop-2-enamide 'C22 H25 F6 N5 O3 S'
SO4 non-polymer 'SULFATE ION' 'O4 S -2'
#
# COMPACT_ATOMS: atom_id res chain seq x y z
N PRO A 10 30.15 -14.07 -17.53
CA PRO A 10 30.95 -12.84 -17.46
C PRO A 10 30.69 -12.02 -16.19
N ARG A 11 31.65 -11.16 -15.82
CA ARG A 11 31.50 -10.30 -14.65
C ARG A 11 30.56 -9.16 -15.03
N THR A 12 30.84 -8.46 -16.15
CA THR A 12 30.02 -7.35 -16.61
C THR A 12 29.12 -7.72 -17.77
N VAL A 13 27.85 -7.36 -17.66
CA VAL A 13 26.88 -7.64 -18.69
C VAL A 13 26.15 -6.35 -19.00
N MET A 14 25.42 -6.32 -20.10
CA MET A 14 24.61 -5.16 -20.50
C MET A 14 23.18 -5.43 -20.18
N VAL A 15 22.44 -4.41 -19.77
CA VAL A 15 21.04 -4.55 -19.44
C VAL A 15 20.25 -3.41 -20.05
N ASN A 16 19.18 -3.75 -20.78
CA ASN A 16 18.31 -2.74 -21.36
C ASN A 16 17.24 -2.48 -20.27
N LEU A 17 17.19 -1.23 -19.75
CA LEU A 17 16.26 -0.84 -18.68
C LEU A 17 14.84 -0.56 -19.15
N ASN A 18 14.56 -0.71 -20.45
CA ASN A 18 13.20 -0.49 -20.94
C ASN A 18 12.45 -1.79 -20.71
N ILE A 19 11.85 -1.88 -19.53
CA ILE A 19 11.12 -3.06 -19.05
C ILE A 19 10.03 -3.53 -19.95
N HIS A 20 10.01 -4.83 -20.23
CA HIS A 20 8.85 -5.42 -20.91
C HIS A 20 8.08 -6.18 -19.83
N ASN A 21 6.76 -5.96 -19.71
CA ASN A 21 5.94 -6.70 -18.78
C ASN A 21 5.77 -8.11 -19.32
N ARG A 22 5.77 -9.09 -18.41
CA ARG A 22 5.64 -10.48 -18.82
C ARG A 22 4.53 -11.16 -18.03
N ASN A 23 3.38 -11.33 -18.67
CA ASN A 23 2.21 -11.98 -18.06
C ASN A 23 1.83 -11.38 -16.69
N THR A 24 1.87 -10.04 -16.56
CA THR A 24 1.44 -9.36 -15.33
C THR A 24 -0.09 -9.12 -15.35
N ASN A 25 -0.82 -9.53 -16.42
CA ASN A 25 -2.25 -9.33 -16.52
C ASN A 25 -2.98 -10.69 -16.67
N SER A 32 -4.30 -6.52 -4.95
CA SER A 32 -5.39 -7.18 -4.25
C SER A 32 -5.66 -6.52 -2.89
N ASP A 33 -6.89 -6.71 -2.32
CA ASP A 33 -7.18 -6.15 -0.99
C ASP A 33 -6.72 -7.10 0.15
N TYR A 34 -5.81 -8.06 -0.16
CA TYR A 34 -5.28 -9.04 0.81
C TYR A 34 -4.75 -8.37 2.05
N TYR A 35 -3.96 -7.29 1.86
CA TYR A 35 -3.36 -6.51 2.94
C TYR A 35 -4.37 -6.10 4.03
N ASN A 36 -5.68 -5.99 3.67
CA ASN A 36 -6.79 -5.58 4.54
C ASN A 36 -7.65 -6.75 5.04
N ARG A 37 -7.94 -7.70 4.17
CA ARG A 37 -8.82 -8.84 4.48
C ARG A 37 -8.14 -9.90 5.34
N SER A 38 -6.81 -9.91 5.36
CA SER A 38 -6.01 -10.89 6.08
C SER A 38 -6.21 -10.90 7.61
N THR A 39 -6.08 -12.09 8.22
CA THR A 39 -6.07 -12.18 9.68
C THR A 39 -4.71 -11.62 10.23
N SER A 40 -3.70 -11.43 9.37
CA SER A 40 -2.43 -10.82 9.71
C SER A 40 -2.28 -9.63 8.75
N PRO A 41 -3.12 -8.58 8.87
CA PRO A 41 -3.06 -7.48 7.89
C PRO A 41 -1.78 -6.67 7.99
N TRP A 42 -1.46 -5.93 6.94
CA TRP A 42 -0.26 -5.12 6.89
C TRP A 42 -0.51 -3.80 6.17
N ASN A 43 0.45 -2.85 6.27
CA ASN A 43 0.44 -1.59 5.53
C ASN A 43 1.77 -1.52 4.73
N LEU A 44 1.78 -0.78 3.63
CA LEU A 44 2.98 -0.63 2.83
C LEU A 44 3.73 0.63 3.19
N HIS A 45 5.03 0.51 3.37
CA HIS A 45 5.88 1.66 3.67
C HIS A 45 6.91 1.88 2.59
N ARG A 46 7.04 3.11 2.14
CA ARG A 46 7.89 3.55 1.05
C ARG A 46 9.35 3.64 1.48
N ASN A 47 10.21 2.87 0.86
CA ASN A 47 11.65 2.90 1.12
C ASN A 47 12.27 3.48 -0.16
N GLU A 48 12.89 4.66 -0.08
CA GLU A 48 13.52 5.28 -1.23
C GLU A 48 15.03 5.40 -1.12
N ASP A 49 15.73 5.02 -2.19
CA ASP A 49 17.19 5.12 -2.25
C ASP A 49 17.59 5.59 -3.65
N PRO A 50 18.08 6.82 -3.76
CA PRO A 50 18.49 7.34 -5.08
C PRO A 50 19.73 6.64 -5.69
N GLU A 51 20.48 5.88 -4.88
CA GLU A 51 21.65 5.15 -5.38
C GLU A 51 21.30 3.71 -5.83
N ARG A 52 20.02 3.38 -5.92
CA ARG A 52 19.58 2.03 -6.21
C ARG A 52 18.54 1.99 -7.31
N TYR A 53 18.49 0.89 -8.06
CA TYR A 53 17.42 0.63 -9.01
C TYR A 53 16.83 -0.72 -8.59
N PRO A 54 15.50 -0.84 -8.34
CA PRO A 54 14.49 0.24 -8.31
C PRO A 54 14.76 1.18 -7.14
N SER A 55 14.55 2.49 -7.35
CA SER A 55 14.83 3.47 -6.31
C SER A 55 13.77 3.40 -5.19
N VAL A 56 12.54 3.04 -5.53
CA VAL A 56 11.46 2.92 -4.55
C VAL A 56 11.05 1.47 -4.35
N ILE A 57 11.09 1.00 -3.09
CA ILE A 57 10.65 -0.34 -2.73
C ILE A 57 9.57 -0.22 -1.62
N TRP A 58 8.40 -0.81 -1.82
CA TRP A 58 7.32 -0.77 -0.84
C TRP A 58 7.40 -2.01 0.06
N GLU A 59 7.62 -1.81 1.37
CA GLU A 59 7.77 -2.91 2.32
C GLU A 59 6.55 -3.08 3.23
N ALA A 60 6.17 -4.34 3.51
CA ALA A 60 5.01 -4.59 4.37
C ALA A 60 5.37 -4.53 5.83
N LYS A 61 4.52 -3.89 6.62
CA LYS A 61 4.70 -3.81 8.05
C LYS A 61 3.41 -4.34 8.64
N CYS A 62 3.48 -5.41 9.43
CA CYS A 62 2.30 -6.01 10.05
C CYS A 62 1.58 -5.00 10.95
N ARG A 63 0.25 -4.87 10.83
CA ARG A 63 -0.51 -3.96 11.68
C ARG A 63 -0.57 -4.42 13.14
N HIS A 64 -0.60 -5.72 13.39
CA HIS A 64 -0.72 -6.21 14.77
C HIS A 64 0.37 -7.19 15.12
N LEU A 65 0.56 -7.41 16.40
CA LEU A 65 1.48 -8.42 16.92
C LEU A 65 0.75 -9.77 16.89
N GLY A 66 -0.53 -9.78 17.21
CA GLY A 66 -1.37 -10.98 17.16
C GLY A 66 -2.08 -11.11 15.82
N CYS A 67 -3.04 -12.04 15.71
CA CYS A 67 -3.84 -12.23 14.49
C CYS A 67 -5.32 -11.92 14.75
N ILE A 68 -6.08 -11.50 13.73
CA ILE A 68 -7.51 -11.21 13.86
C ILE A 68 -8.30 -12.51 13.82
N ASN A 69 -9.16 -12.75 14.81
CA ASN A 69 -9.95 -13.98 14.86
C ASN A 69 -11.33 -13.82 14.17
N ALA A 70 -12.19 -14.86 14.25
CA ALA A 70 -13.53 -14.86 13.66
C ALA A 70 -14.40 -13.73 14.22
N ASP A 71 -14.26 -13.42 15.52
CA ASP A 71 -15.03 -12.34 16.14
C ASP A 71 -14.50 -10.91 15.83
N GLY A 72 -13.47 -10.79 14.99
CA GLY A 72 -12.87 -9.50 14.67
C GLY A 72 -11.95 -8.96 15.75
N ASN A 73 -11.60 -9.80 16.74
CA ASN A 73 -10.71 -9.38 17.83
C ASN A 73 -9.27 -9.85 17.60
N VAL A 74 -8.29 -9.22 18.26
CA VAL A 74 -6.91 -9.63 18.15
C VAL A 74 -6.68 -10.82 19.08
N ASP A 75 -6.30 -11.95 18.50
CA ASP A 75 -5.96 -13.16 19.23
C ASP A 75 -4.44 -13.05 19.52
N TYR A 76 -4.08 -12.90 20.80
CA TYR A 76 -2.69 -12.80 21.19
C TYR A 76 -1.97 -14.16 21.28
N HIS A 77 -2.70 -15.28 21.13
CA HIS A 77 -2.08 -16.61 21.14
C HIS A 77 -1.37 -16.91 19.80
N MET A 78 -1.64 -16.12 18.74
CA MET A 78 -1.06 -16.27 17.40
C MET A 78 -0.27 -15.03 17.05
N ASN A 79 0.70 -15.16 16.14
CA ASN A 79 1.53 -14.03 15.75
C ASN A 79 1.37 -13.62 14.29
N SER A 80 1.32 -12.31 14.00
CA SER A 80 1.40 -11.83 12.61
C SER A 80 2.90 -11.72 12.34
N VAL A 81 3.40 -12.37 11.29
CA VAL A 81 4.83 -12.29 10.98
C VAL A 81 5.04 -11.85 9.55
N PRO A 82 6.01 -10.96 9.30
CA PRO A 82 6.26 -10.54 7.91
C PRO A 82 6.97 -11.66 7.16
N ILE A 83 6.58 -11.87 5.89
CA ILE A 83 7.26 -12.84 5.06
C ILE A 83 8.41 -12.05 4.41
N GLN A 84 9.65 -12.39 4.74
CA GLN A 84 10.82 -11.73 4.19
C GLN A 84 11.37 -12.53 3.04
N GLN A 85 11.66 -11.86 1.91
CA GLN A 85 12.25 -12.47 0.73
C GLN A 85 13.62 -11.85 0.44
N GLU A 86 14.56 -12.63 -0.11
CA GLU A 86 15.86 -12.11 -0.55
C GLU A 86 15.67 -11.63 -1.98
N ILE A 87 15.88 -10.33 -2.19
CA ILE A 87 15.69 -9.61 -3.46
C ILE A 87 17.00 -9.04 -3.94
N LEU A 88 17.20 -8.96 -5.26
CA LEU A 88 18.37 -8.33 -5.84
C LEU A 88 18.02 -6.91 -6.23
N VAL A 89 18.95 -5.99 -6.01
CA VAL A 89 18.82 -4.60 -6.46
C VAL A 89 20.10 -4.19 -7.21
N LEU A 90 20.03 -3.11 -7.96
CA LEU A 90 21.21 -2.58 -8.65
C LEU A 90 21.72 -1.41 -7.85
N ARG A 91 22.96 -1.44 -7.39
CA ARG A 91 23.51 -0.31 -6.67
C ARG A 91 24.49 0.40 -7.62
N ARG A 92 24.37 1.73 -7.77
CA ARG A 92 25.28 2.52 -8.61
C ARG A 92 26.71 2.34 -8.19
N GLU A 93 27.57 1.92 -9.14
CA GLU A 93 28.97 1.71 -8.84
C GLU A 93 29.81 2.17 -10.03
N PRO A 94 30.68 3.20 -9.88
CA PRO A 94 30.91 4.03 -8.68
C PRO A 94 29.66 4.80 -8.24
N PRO A 95 29.63 5.32 -6.99
CA PRO A 95 28.42 6.04 -6.55
C PRO A 95 28.04 7.19 -7.46
N HIS A 96 26.73 7.39 -7.66
CA HIS A 96 26.13 8.43 -8.51
C HIS A 96 26.19 8.12 -9.99
N SER A 97 26.80 6.99 -10.40
CA SER A 97 26.87 6.65 -11.81
C SER A 97 25.46 6.43 -12.38
N PRO A 98 25.15 7.10 -13.49
CA PRO A 98 23.84 6.88 -14.11
C PRO A 98 23.74 5.56 -14.88
N ASN A 99 24.88 4.91 -15.23
CA ASN A 99 24.85 3.78 -16.15
C ASN A 99 25.70 2.57 -15.81
N SER A 100 26.13 2.44 -14.57
CA SER A 100 26.94 1.26 -14.18
C SER A 100 26.61 0.87 -12.76
N PHE A 101 26.39 -0.41 -12.54
CA PHE A 101 25.85 -0.91 -11.29
C PHE A 101 26.47 -2.23 -10.88
N ARG A 102 26.29 -2.62 -9.63
CA ARG A 102 26.65 -3.95 -9.14
C ARG A 102 25.38 -4.55 -8.50
N LEU A 103 25.15 -5.85 -8.70
CA LEU A 103 24.02 -6.53 -8.07
C LEU A 103 24.27 -6.59 -6.58
N GLU A 104 23.24 -6.37 -5.80
CA GLU A 104 23.33 -6.40 -4.35
C GLU A 104 22.09 -7.13 -3.79
N LYS A 105 22.30 -8.02 -2.82
CA LYS A 105 21.22 -8.82 -2.25
C LYS A 105 20.70 -8.19 -0.94
N ILE A 106 19.41 -7.86 -0.89
CA ILE A 106 18.76 -7.29 0.30
C ILE A 106 17.54 -8.14 0.73
N LEU A 107 16.99 -7.88 1.91
CA LEU A 107 15.84 -8.62 2.42
C LEU A 107 14.63 -7.67 2.40
N VAL A 108 13.52 -8.07 1.79
CA VAL A 108 12.31 -7.22 1.73
C VAL A 108 11.11 -7.92 2.40
N SER A 109 10.23 -7.18 3.13
CA SER A 109 9.02 -7.77 3.68
C SER A 109 7.96 -7.56 2.62
N VAL A 110 7.36 -8.67 2.14
CA VAL A 110 6.41 -8.68 1.03
C VAL A 110 4.94 -8.85 1.44
N GLY A 111 4.70 -9.07 2.71
CA GLY A 111 3.37 -9.27 3.26
C GLY A 111 3.46 -9.91 4.61
N CYS A 112 2.33 -10.27 5.20
CA CYS A 112 2.32 -10.93 6.50
C CYS A 112 1.49 -12.20 6.46
N THR A 113 1.84 -13.13 7.33
CA THR A 113 1.13 -14.36 7.50
C THR A 113 0.88 -14.59 9.02
N CYS A 114 -0.08 -15.48 9.37
CA CYS A 114 -0.36 -15.73 10.78
C CYS A 114 0.25 -17.06 11.20
N VAL A 115 1.11 -17.06 12.21
CA VAL A 115 1.79 -18.30 12.63
C VAL A 115 1.54 -18.65 14.09
N THR A 116 1.73 -19.94 14.41
CA THR A 116 1.72 -20.40 15.80
C THR A 116 3.12 -20.07 16.34
N PRO A 117 3.20 -19.46 17.53
CA PRO A 117 4.52 -19.05 18.04
C PRO A 117 5.49 -20.17 18.35
N ILE A 118 6.81 -19.90 18.23
CA ILE A 118 7.83 -20.88 18.66
C ILE A 118 7.90 -20.72 20.19
N VAL A 119 7.69 -21.83 20.93
CA VAL A 119 7.64 -21.87 22.39
C VAL A 119 8.77 -22.69 23.01
N HIS A 120 9.40 -22.16 24.07
CA HIS A 120 10.47 -22.87 24.81
C HIS A 120 10.73 -22.22 26.15
N HIS A 121 10.98 -23.01 27.20
CA HIS A 121 11.24 -22.50 28.54
C HIS A 121 12.63 -21.79 28.62
N VAL A 122 12.76 -20.76 29.52
CA VAL A 122 14.04 -20.06 29.69
C VAL A 122 15.13 -21.02 30.24
N ALA A 123 16.34 -20.94 29.66
CA ALA A 123 17.47 -21.77 30.07
C ALA A 123 18.40 -21.01 31.05
N ASN B 8 19.35 11.31 -15.18
CA ASN B 8 19.84 10.58 -16.35
C ASN B 8 19.27 9.16 -16.46
N PHE B 9 18.55 8.88 -17.58
CA PHE B 9 17.95 7.56 -17.79
C PHE B 9 18.40 6.91 -19.10
N PRO B 10 19.59 6.29 -19.09
CA PRO B 10 20.05 5.60 -20.30
C PRO B 10 19.25 4.35 -20.60
N ARG B 11 19.25 3.94 -21.87
CA ARG B 11 18.56 2.74 -22.29
C ARG B 11 19.35 1.53 -21.83
N THR B 12 20.67 1.48 -22.13
CA THR B 12 21.52 0.37 -21.76
C THR B 12 22.50 0.75 -20.67
N VAL B 13 22.64 -0.12 -19.66
CA VAL B 13 23.57 0.14 -18.57
C VAL B 13 24.45 -1.10 -18.39
N MET B 14 25.55 -0.96 -17.63
CA MET B 14 26.43 -2.07 -17.31
C MET B 14 26.13 -2.58 -15.89
N VAL B 15 26.15 -3.90 -15.71
CA VAL B 15 25.89 -4.51 -14.44
C VAL B 15 26.94 -5.56 -14.12
N ASN B 16 27.56 -5.42 -12.95
CA ASN B 16 28.54 -6.38 -12.47
C ASN B 16 27.74 -7.44 -11.70
N LEU B 17 27.74 -8.68 -12.20
CA LEU B 17 26.98 -9.78 -11.60
C LEU B 17 27.60 -10.41 -10.36
N ASN B 18 28.73 -9.89 -9.87
CA ASN B 18 29.34 -10.44 -8.65
C ASN B 18 28.63 -9.76 -7.47
N ILE B 19 27.57 -10.40 -6.99
CA ILE B 19 26.66 -9.91 -5.95
C ILE B 19 27.32 -9.59 -4.64
N HIS B 20 26.93 -8.48 -4.04
CA HIS B 20 27.39 -8.14 -2.70
C HIS B 20 26.16 -8.28 -1.79
N ASN B 21 26.24 -9.16 -0.79
CA ASN B 21 25.17 -9.29 0.17
C ASN B 21 25.16 -8.01 1.04
N ARG B 22 23.95 -7.56 1.42
CA ARG B 22 23.82 -6.39 2.27
C ARG B 22 22.81 -6.66 3.40
N SER B 32 13.05 -20.19 9.68
CA SER B 32 12.20 -19.80 8.54
C SER B 32 11.18 -20.91 8.25
N ASP B 33 10.60 -21.48 9.31
CA ASP B 33 9.56 -22.52 9.18
C ASP B 33 8.17 -21.93 9.00
N TYR B 34 8.05 -20.63 8.58
CA TYR B 34 6.77 -19.96 8.38
C TYR B 34 5.86 -20.76 7.49
N TYR B 35 6.39 -21.27 6.36
CA TYR B 35 5.66 -22.07 5.37
C TYR B 35 4.86 -23.22 5.99
N ASN B 36 5.31 -23.74 7.19
CA ASN B 36 4.70 -24.85 7.94
C ASN B 36 3.85 -24.39 9.12
N ARG B 37 4.34 -23.41 9.89
CA ARG B 37 3.65 -22.90 11.08
C ARG B 37 2.44 -22.01 10.79
N SER B 38 2.31 -21.54 9.55
CA SER B 38 1.24 -20.63 9.14
C SER B 38 -0.14 -21.28 9.16
N THR B 39 -1.20 -20.50 9.51
CA THR B 39 -2.57 -21.00 9.35
C THR B 39 -2.94 -21.12 7.84
N SER B 40 -2.15 -20.52 6.94
CA SER B 40 -2.32 -20.63 5.48
C SER B 40 -0.98 -21.17 4.96
N PRO B 41 -0.61 -22.45 5.32
CA PRO B 41 0.72 -22.96 4.93
C PRO B 41 0.85 -23.17 3.43
N TRP B 42 2.10 -23.23 2.98
CA TRP B 42 2.40 -23.36 1.56
C TRP B 42 3.60 -24.25 1.32
N ASN B 43 3.82 -24.68 0.07
CA ASN B 43 4.99 -25.45 -0.35
C ASN B 43 5.74 -24.62 -1.41
N LEU B 44 7.05 -24.84 -1.56
CA LEU B 44 7.81 -24.11 -2.56
C LEU B 44 8.00 -24.91 -3.82
N HIS B 45 7.80 -24.29 -4.97
CA HIS B 45 7.97 -24.94 -6.27
C HIS B 45 9.08 -24.26 -7.03
N ARG B 46 10.01 -25.05 -7.51
CA ARG B 46 11.17 -24.60 -8.24
C ARG B 46 10.81 -24.35 -9.70
N ASN B 47 10.96 -23.10 -10.15
CA ASN B 47 10.71 -22.68 -11.52
C ASN B 47 12.08 -22.38 -12.10
N GLU B 48 12.50 -23.15 -13.11
CA GLU B 48 13.81 -22.94 -13.73
C GLU B 48 13.74 -22.48 -15.19
N ASP B 49 14.49 -21.42 -15.53
CA ASP B 49 14.55 -20.91 -16.90
C ASP B 49 16.00 -20.56 -17.24
N PRO B 50 16.62 -21.31 -18.15
CA PRO B 50 18.00 -21.02 -18.54
C PRO B 50 18.19 -19.69 -19.30
N GLU B 51 17.10 -19.10 -19.81
CA GLU B 51 17.16 -17.81 -20.52
C GLU B 51 16.95 -16.60 -19.58
N ARG B 52 16.97 -16.84 -18.27
CA ARG B 52 16.64 -15.82 -17.31
C ARG B 52 17.66 -15.75 -16.20
N TYR B 53 17.85 -14.57 -15.61
CA TYR B 53 18.68 -14.40 -14.46
C TYR B 53 17.81 -13.67 -13.40
N PRO B 54 17.61 -14.20 -12.19
CA PRO B 54 18.05 -15.51 -11.68
C PRO B 54 17.36 -16.64 -12.46
N SER B 55 18.11 -17.71 -12.76
CA SER B 55 17.54 -18.84 -13.50
C SER B 55 16.51 -19.61 -12.68
N VAL B 56 16.69 -19.67 -11.34
CA VAL B 56 15.78 -20.39 -10.46
C VAL B 56 14.97 -19.45 -9.58
N ILE B 57 13.64 -19.59 -9.66
CA ILE B 57 12.73 -18.82 -8.82
C ILE B 57 11.82 -19.80 -8.04
N TRP B 58 11.78 -19.66 -6.73
CA TRP B 58 10.96 -20.50 -5.87
C TRP B 58 9.64 -19.81 -5.61
N GLU B 59 8.55 -20.42 -6.03
CA GLU B 59 7.23 -19.85 -5.85
C GLU B 59 6.40 -20.62 -4.82
N ALA B 60 5.57 -19.91 -4.05
CA ALA B 60 4.74 -20.54 -3.04
C ALA B 60 3.42 -21.00 -3.61
N LYS B 61 2.99 -22.19 -3.23
CA LYS B 61 1.70 -22.71 -3.61
C LYS B 61 0.98 -23.03 -2.29
N CYS B 62 -0.17 -22.42 -2.01
CA CYS B 62 -0.94 -22.71 -0.77
C CYS B 62 -1.31 -24.18 -0.67
N ARG B 63 -1.13 -24.79 0.52
CA ARG B 63 -1.47 -26.22 0.67
C ARG B 63 -2.96 -26.48 0.68
N HIS B 64 -3.73 -25.55 1.22
CA HIS B 64 -5.18 -25.73 1.37
C HIS B 64 -5.97 -24.60 0.75
N LEU B 65 -7.25 -24.85 0.53
CA LEU B 65 -8.19 -23.84 0.09
C LEU B 65 -8.62 -23.02 1.31
N GLY B 66 -8.84 -23.69 2.43
CA GLY B 66 -9.22 -23.04 3.67
C GLY B 66 -7.99 -22.71 4.51
N CYS B 67 -8.21 -22.32 5.77
CA CYS B 67 -7.12 -22.04 6.71
C CYS B 67 -7.13 -23.02 7.88
N ILE B 68 -5.99 -23.27 8.51
CA ILE B 68 -5.86 -24.14 9.67
C ILE B 68 -6.31 -23.41 10.93
N ASN B 69 -7.25 -23.98 11.68
CA ASN B 69 -7.75 -23.37 12.90
C ASN B 69 -6.94 -23.81 14.14
N ALA B 70 -7.34 -23.37 15.34
CA ALA B 70 -6.71 -23.69 16.62
C ALA B 70 -6.60 -25.20 16.84
N ASP B 71 -7.64 -25.95 16.46
CA ASP B 71 -7.71 -27.40 16.62
C ASP B 71 -6.89 -28.20 15.61
N GLY B 72 -6.19 -27.53 14.69
CA GLY B 72 -5.43 -28.21 13.65
C GLY B 72 -6.28 -28.70 12.48
N ASN B 73 -7.54 -28.24 12.40
CA ASN B 73 -8.43 -28.62 11.31
C ASN B 73 -8.53 -27.52 10.26
N VAL B 74 -8.95 -27.89 9.04
CA VAL B 74 -9.16 -26.91 8.00
C VAL B 74 -10.50 -26.22 8.19
N ASP B 75 -10.49 -24.90 8.35
CA ASP B 75 -11.68 -24.08 8.46
C ASP B 75 -12.01 -23.64 7.03
N TYR B 76 -13.11 -24.13 6.46
CA TYR B 76 -13.49 -23.77 5.11
C TYR B 76 -14.14 -22.38 5.00
N HIS B 77 -14.47 -21.73 6.12
CA HIS B 77 -15.05 -20.39 6.09
C HIS B 77 -14.01 -19.31 5.78
N MET B 78 -12.70 -19.63 5.89
CA MET B 78 -11.59 -18.73 5.59
C MET B 78 -10.83 -19.24 4.38
N ASN B 79 -10.10 -18.37 3.68
CA ASN B 79 -9.34 -18.81 2.50
C ASN B 79 -7.84 -18.61 2.64
N SER B 80 -7.06 -19.59 2.18
CA SER B 80 -5.60 -19.39 2.05
C SER B 80 -5.42 -18.72 0.68
N VAL B 81 -4.75 -17.55 0.61
CA VAL B 81 -4.52 -16.90 -0.69
C VAL B 81 -3.04 -16.62 -0.88
N PRO B 82 -2.50 -16.82 -2.08
CA PRO B 82 -1.08 -16.53 -2.31
C PRO B 82 -0.85 -15.01 -2.37
N ILE B 83 0.25 -14.53 -1.78
CA ILE B 83 0.60 -13.12 -1.86
C ILE B 83 1.45 -13.01 -3.12
N GLN B 84 0.94 -12.30 -4.13
CA GLN B 84 1.68 -12.09 -5.38
C GLN B 84 2.45 -10.76 -5.37
N GLN B 85 3.73 -10.81 -5.69
CA GLN B 85 4.58 -9.64 -5.77
C GLN B 85 5.09 -9.46 -7.23
N GLU B 86 5.18 -8.22 -7.69
CA GLU B 86 5.77 -7.90 -9.00
C GLU B 86 7.28 -7.83 -8.83
N ILE B 87 8.01 -8.68 -9.54
CA ILE B 87 9.47 -8.68 -9.47
C ILE B 87 10.08 -8.50 -10.87
N LEU B 88 11.32 -8.04 -10.93
CA LEU B 88 12.04 -7.84 -12.17
C LEU B 88 13.02 -8.99 -12.35
N VAL B 89 13.15 -9.49 -13.57
CA VAL B 89 14.12 -10.53 -13.93
C VAL B 89 14.89 -10.05 -15.16
N LEU B 90 16.03 -10.68 -15.45
CA LEU B 90 16.79 -10.37 -16.64
C LEU B 90 16.50 -11.45 -17.66
N ARG B 91 15.99 -11.12 -18.85
CA ARG B 91 15.82 -12.12 -19.90
C ARG B 91 16.94 -11.92 -20.94
N ARG B 92 17.64 -13.00 -21.36
CA ARG B 92 18.69 -12.90 -22.38
C ARG B 92 18.14 -12.32 -23.67
N GLU B 93 18.78 -11.24 -24.14
CA GLU B 93 18.37 -10.60 -25.37
C GLU B 93 19.58 -10.18 -26.16
N PRO B 94 19.81 -10.74 -27.37
CA PRO B 94 19.01 -11.78 -28.06
C PRO B 94 19.02 -13.12 -27.33
N PRO B 95 18.12 -14.07 -27.67
CA PRO B 95 18.12 -15.33 -26.91
C PRO B 95 19.46 -16.05 -26.91
N HIS B 96 19.81 -16.66 -25.76
CA HIS B 96 21.04 -17.42 -25.52
C HIS B 96 22.28 -16.53 -25.27
N SER B 97 22.14 -15.20 -25.37
CA SER B 97 23.26 -14.30 -25.12
C SER B 97 23.78 -14.44 -23.68
N PRO B 98 25.09 -14.66 -23.52
CA PRO B 98 25.63 -14.75 -22.15
C PRO B 98 25.80 -13.42 -21.45
N ASN B 99 25.74 -12.29 -22.18
CA ASN B 99 26.12 -11.01 -21.60
C ASN B 99 25.23 -9.83 -21.89
N SER B 100 23.99 -10.05 -22.35
CA SER B 100 23.09 -8.94 -22.63
C SER B 100 21.69 -9.38 -22.36
N PHE B 101 20.96 -8.51 -21.67
CA PHE B 101 19.64 -8.80 -21.16
C PHE B 101 18.68 -7.62 -21.30
N ARG B 102 17.41 -7.87 -21.09
CA ARG B 102 16.36 -6.87 -20.97
C ARG B 102 15.63 -7.14 -19.67
N LEU B 103 15.32 -6.07 -18.92
CA LEU B 103 14.56 -6.17 -17.69
C LEU B 103 13.14 -6.57 -18.08
N GLU B 104 12.59 -7.53 -17.37
CA GLU B 104 11.25 -8.03 -17.59
C GLU B 104 10.50 -8.03 -16.24
N LYS B 105 9.24 -7.61 -16.20
CA LYS B 105 8.46 -7.59 -14.96
C LYS B 105 7.52 -8.82 -14.91
N ILE B 106 7.67 -9.68 -13.89
CA ILE B 106 6.85 -10.87 -13.71
C ILE B 106 6.10 -10.82 -12.33
N LEU B 107 5.13 -11.69 -12.14
CA LEU B 107 4.36 -11.78 -10.91
C LEU B 107 4.76 -13.10 -10.25
N VAL B 108 5.21 -13.07 -9.00
CA VAL B 108 5.60 -14.30 -8.28
C VAL B 108 4.80 -14.47 -6.97
N SER B 109 4.48 -15.71 -6.54
CA SER B 109 3.82 -15.95 -5.27
C SER B 109 4.92 -16.14 -4.23
N VAL B 110 4.95 -15.30 -3.22
CA VAL B 110 5.99 -15.30 -2.20
C VAL B 110 5.59 -15.92 -0.83
N GLY B 111 4.38 -16.38 -0.73
CA GLY B 111 3.85 -16.98 0.49
C GLY B 111 2.35 -16.92 0.45
N CYS B 112 1.72 -17.31 1.54
CA CYS B 112 0.26 -17.30 1.60
C CYS B 112 -0.19 -16.58 2.86
N THR B 113 -1.37 -16.02 2.80
CA THR B 113 -2.00 -15.36 3.94
C THR B 113 -3.43 -15.89 4.08
N CYS B 114 -4.05 -15.71 5.26
CA CYS B 114 -5.42 -16.19 5.46
C CYS B 114 -6.37 -15.01 5.39
N VAL B 115 -7.38 -15.06 4.50
CA VAL B 115 -8.32 -13.94 4.36
C VAL B 115 -9.79 -14.36 4.60
N THR B 116 -10.60 -13.39 4.99
CA THR B 116 -12.06 -13.57 5.12
C THR B 116 -12.59 -13.39 3.69
N PRO B 117 -13.37 -14.36 3.18
CA PRO B 117 -13.75 -14.33 1.76
C PRO B 117 -14.65 -13.18 1.31
N ILE B 118 -14.42 -12.70 0.06
CA ILE B 118 -15.23 -11.66 -0.57
C ILE B 118 -16.51 -12.30 -1.12
N VAL B 119 -17.67 -11.99 -0.51
CA VAL B 119 -18.99 -12.55 -0.83
C VAL B 119 -19.93 -11.60 -1.60
N HIS B 120 -20.63 -12.11 -2.63
CA HIS B 120 -21.60 -11.33 -3.40
C HIS B 120 -22.51 -12.19 -4.25
N HIS B 121 -23.80 -11.88 -4.28
CA HIS B 121 -24.77 -12.55 -5.16
C HIS B 121 -24.58 -11.88 -6.54
N VAL B 122 -24.59 -12.65 -7.66
CA VAL B 122 -24.39 -11.99 -8.97
C VAL B 122 -25.71 -11.84 -9.73
N ALA B 123 -25.73 -10.89 -10.69
CA ALA B 123 -26.91 -10.60 -11.48
C ALA B 123 -27.02 -11.52 -12.72
N PRO C 10 -31.18 1.01 10.78
CA PRO C 10 -31.78 1.81 11.86
C PRO C 10 -31.35 3.27 11.82
N ARG C 11 -32.15 4.13 12.45
CA ARG C 11 -31.88 5.55 12.51
C ARG C 11 -30.80 5.79 13.59
N THR C 12 -31.01 5.26 14.80
CA THR C 12 -30.06 5.41 15.89
C THR C 12 -29.28 4.13 16.13
N VAL C 13 -27.97 4.26 16.21
CA VAL C 13 -27.07 3.15 16.47
C VAL C 13 -26.21 3.50 17.67
N MET C 14 -25.60 2.50 18.29
CA MET C 14 -24.68 2.75 19.40
C MET C 14 -23.28 2.66 18.88
N VAL C 15 -22.41 3.57 19.35
CA VAL C 15 -21.03 3.54 18.95
C VAL C 15 -20.15 3.58 20.18
N ASN C 16 -19.22 2.64 20.25
CA ASN C 16 -18.21 2.66 21.29
C ASN C 16 -17.04 3.47 20.72
N LEU C 17 -16.80 4.68 21.28
CA LEU C 17 -15.74 5.56 20.78
C LEU C 17 -14.33 5.17 21.17
N ASN C 18 -14.17 4.17 22.04
CA ASN C 18 -12.86 3.72 22.46
C ASN C 18 -12.24 2.88 21.38
N ILE C 19 -11.33 3.50 20.64
CA ILE C 19 -10.61 2.90 19.52
C ILE C 19 -9.71 1.76 19.96
N SER C 32 6.81 10.77 5.74
CA SER C 32 5.59 11.50 5.38
C SER C 32 5.90 12.95 4.99
N ASP C 33 7.02 13.16 4.30
CA ASP C 33 7.42 14.49 3.85
C ASP C 33 6.72 14.94 2.55
N TYR C 34 5.70 14.20 2.08
CA TYR C 34 4.92 14.47 0.88
C TYR C 34 4.53 15.94 0.76
N TYR C 35 3.90 16.49 1.82
CA TYR C 35 3.45 17.89 1.88
C TYR C 35 4.53 18.90 1.49
N ASN C 36 5.84 18.53 1.62
CA ASN C 36 7.01 19.35 1.34
C ASN C 36 7.70 19.01 0.01
N ARG C 37 7.93 17.71 -0.26
CA ARG C 37 8.62 17.32 -1.49
C ARG C 37 7.74 17.34 -2.75
N SER C 38 6.43 17.54 -2.58
CA SER C 38 5.48 17.59 -3.68
C SER C 38 5.72 18.79 -4.58
N THR C 39 5.45 18.63 -5.88
CA THR C 39 5.48 19.75 -6.81
C THR C 39 4.27 20.66 -6.55
N SER C 40 3.25 20.21 -5.82
CA SER C 40 2.09 21.01 -5.41
C SER C 40 2.06 20.94 -3.88
N PRO C 41 3.08 21.51 -3.18
CA PRO C 41 3.13 21.37 -1.73
C PRO C 41 1.99 22.07 -1.00
N TRP C 42 1.78 21.68 0.24
CA TRP C 42 0.70 22.25 1.05
C TRP C 42 1.10 22.37 2.52
N ASN C 43 0.33 23.14 3.27
CA ASN C 43 0.51 23.27 4.72
C ASN C 43 -0.80 22.81 5.38
N LEU C 44 -0.74 22.35 6.63
CA LEU C 44 -1.95 21.92 7.33
C LEU C 44 -2.49 23.01 8.24
N HIS C 45 -3.78 23.26 8.16
CA HIS C 45 -4.43 24.28 8.95
C HIS C 45 -5.43 23.59 9.90
N ARG C 46 -5.34 23.95 11.16
CA ARG C 46 -6.15 23.40 12.23
C ARG C 46 -7.55 24.02 12.22
N ASN C 47 -8.58 23.19 12.14
CA ASN C 47 -10.00 23.59 12.21
C ASN C 47 -10.54 22.97 13.50
N GLU C 48 -10.93 23.78 14.49
CA GLU C 48 -11.46 23.24 15.75
C GLU C 48 -12.93 23.58 16.00
N ASP C 49 -13.74 22.58 16.38
CA ASP C 49 -15.15 22.77 16.70
C ASP C 49 -15.49 21.89 17.90
N PRO C 50 -15.79 22.50 19.05
CA PRO C 50 -16.15 21.70 20.24
C PRO C 50 -17.49 20.96 20.15
N GLU C 51 -18.33 21.31 19.17
CA GLU C 51 -19.62 20.65 18.98
C GLU C 51 -19.55 19.48 17.98
N ARG C 52 -18.34 19.05 17.63
CA ARG C 52 -18.12 18.05 16.63
C ARG C 52 -17.16 16.99 17.12
N TYR C 53 -17.29 15.73 16.63
CA TYR C 53 -16.32 14.67 16.85
C TYR C 53 -15.94 14.18 15.44
N PRO C 54 -14.66 14.20 15.03
CA PRO C 54 -13.49 14.72 15.76
C PRO C 54 -13.58 16.24 15.94
N SER C 55 -13.16 16.75 17.09
CA SER C 55 -13.22 18.20 17.32
C SER C 55 -12.17 18.96 16.49
N VAL C 56 -11.02 18.32 16.23
CA VAL C 56 -9.96 18.94 15.44
C VAL C 56 -9.81 18.25 14.09
N ILE C 57 -9.90 19.03 13.01
CA ILE C 57 -9.71 18.56 11.64
C ILE C 57 -8.59 19.37 10.96
N TRP C 58 -7.58 18.70 10.44
CA TRP C 58 -6.45 19.34 9.75
C TRP C 58 -6.70 19.38 8.25
N GLU C 59 -6.80 20.58 7.68
CA GLU C 59 -7.05 20.74 6.25
C GLU C 59 -5.82 21.22 5.48
N ALA C 60 -5.63 20.73 4.25
CA ALA C 60 -4.50 21.13 3.44
C ALA C 60 -4.79 22.40 2.67
N LYS C 61 -3.85 23.34 2.66
CA LYS C 61 -3.96 24.57 1.88
C LYS C 61 -2.73 24.57 0.96
N CYS C 62 -2.94 24.58 -0.38
CA CYS C 62 -1.84 24.58 -1.33
C CYS C 62 -0.96 25.82 -1.14
N ARG C 63 0.37 25.65 -1.10
CA ARG C 63 1.27 26.79 -0.90
C ARG C 63 1.36 27.72 -2.10
N HIS C 64 1.23 27.20 -3.31
CA HIS C 64 1.39 28.01 -4.53
C HIS C 64 0.21 27.88 -5.46
N LEU C 65 0.09 28.83 -6.39
CA LEU C 65 -0.93 28.75 -7.45
C LEU C 65 -0.39 27.84 -8.57
N GLY C 66 0.90 27.93 -8.86
CA GLY C 66 1.56 27.08 -9.83
C GLY C 66 2.17 25.85 -9.17
N CYS C 67 3.01 25.12 -9.91
CA CYS C 67 3.67 23.92 -9.38
C CYS C 67 5.19 24.11 -9.40
N ILE C 68 5.91 23.43 -8.50
CA ILE C 68 7.37 23.49 -8.41
C ILE C 68 7.99 22.60 -9.50
N ASN C 69 8.92 23.15 -10.27
CA ASN C 69 9.59 22.39 -11.33
C ASN C 69 10.88 21.70 -10.80
N ALA C 70 11.62 21.03 -11.69
CA ALA C 70 12.86 20.32 -11.33
C ALA C 70 13.92 21.25 -10.72
N ASP C 71 13.96 22.50 -11.18
CA ASP C 71 14.91 23.49 -10.67
C ASP C 71 14.50 24.15 -9.33
N GLY C 72 13.38 23.73 -8.76
CA GLY C 72 12.87 24.32 -7.53
C GLY C 72 12.18 25.65 -7.71
N ASN C 73 11.83 26.02 -8.97
CA ASN C 73 11.13 27.28 -9.26
C ASN C 73 9.63 27.03 -9.50
N VAL C 74 8.80 28.07 -9.35
CA VAL C 74 7.38 27.93 -9.61
C VAL C 74 7.07 28.04 -11.10
N ASP C 75 6.52 26.99 -11.67
CA ASP C 75 6.09 26.92 -13.05
C ASP C 75 4.61 27.32 -13.04
N TYR C 76 4.28 28.47 -13.63
CA TYR C 76 2.91 28.92 -13.66
C TYR C 76 2.07 28.32 -14.80
N HIS C 77 2.69 27.51 -15.68
CA HIS C 77 1.94 26.80 -16.72
C HIS C 77 1.12 25.63 -16.15
N MET C 78 1.39 25.23 -14.89
CA MET C 78 0.70 24.16 -14.17
C MET C 78 -0.02 24.75 -12.95
N ASN C 79 -1.02 24.05 -12.40
CA ASN C 79 -1.75 24.56 -11.23
C ASN C 79 -1.70 23.61 -10.05
N SER C 80 -1.50 24.14 -8.83
CA SER C 80 -1.64 23.33 -7.62
C SER C 80 -3.15 23.37 -7.29
N VAL C 81 -3.80 22.22 -7.15
CA VAL C 81 -5.21 22.17 -6.80
C VAL C 81 -5.42 21.28 -5.57
N PRO C 82 -6.29 21.68 -4.63
CA PRO C 82 -6.53 20.82 -3.47
C PRO C 82 -7.38 19.62 -3.83
N ILE C 83 -7.10 18.46 -3.22
CA ILE C 83 -7.91 17.26 -3.41
C ILE C 83 -8.98 17.35 -2.32
N GLN C 84 -10.22 17.57 -2.74
CA GLN C 84 -11.33 17.67 -1.78
C GLN C 84 -12.07 16.35 -1.64
N GLN C 85 -12.22 15.89 -0.39
CA GLN C 85 -12.91 14.64 -0.08
C GLN C 85 -14.13 14.95 0.78
N GLU C 86 -15.20 14.20 0.56
CA GLU C 86 -16.39 14.31 1.39
C GLU C 86 -16.12 13.38 2.57
N ILE C 87 -16.07 13.92 3.77
CA ILE C 87 -15.89 13.12 4.97
C ILE C 87 -17.10 13.26 5.93
N LEU C 88 -17.29 12.27 6.79
CA LEU C 88 -18.38 12.27 7.77
C LEU C 88 -17.86 12.72 9.14
N VAL C 89 -18.64 13.52 9.86
CA VAL C 89 -18.32 13.98 11.21
C VAL C 89 -19.56 13.77 12.10
N LEU C 90 -19.39 13.79 13.42
CA LEU C 90 -20.51 13.66 14.34
C LEU C 90 -20.77 15.04 14.91
N ARG C 91 -22.00 15.53 14.83
CA ARG C 91 -22.35 16.80 15.43
C ARG C 91 -23.22 16.51 16.68
N ARG C 92 -22.90 17.10 17.83
CA ARG C 92 -23.65 16.90 19.06
C ARG C 92 -25.09 17.33 18.87
N GLU C 93 -26.01 16.41 19.17
CA GLU C 93 -27.44 16.67 19.05
C GLU C 93 -28.19 16.03 20.21
N PRO C 94 -28.85 16.81 21.09
CA PRO C 94 -28.93 18.28 21.13
C PRO C 94 -27.57 18.94 21.37
N PRO C 95 -27.42 20.26 21.11
CA PRO C 95 -26.09 20.87 21.30
C PRO C 95 -25.53 20.68 22.70
N HIS C 96 -24.22 20.48 22.79
CA HIS C 96 -23.43 20.27 24.01
C HIS C 96 -23.53 18.85 24.57
N SER C 97 -24.37 17.97 23.98
CA SER C 97 -24.55 16.61 24.45
C SER C 97 -23.26 15.83 24.41
N PRO C 98 -22.90 15.17 25.53
CA PRO C 98 -21.65 14.38 25.53
C PRO C 98 -21.80 13.01 24.89
N ASN C 99 -23.06 12.53 24.69
CA ASN C 99 -23.25 11.16 24.25
C ASN C 99 -24.25 10.92 23.14
N SER C 100 -24.64 11.95 22.39
CA SER C 100 -25.60 11.77 21.29
C SER C 100 -25.29 12.73 20.17
N PHE C 101 -25.27 12.18 18.96
CA PHE C 101 -24.83 12.87 17.79
C PHE C 101 -25.70 12.58 16.55
N ARG C 102 -25.48 13.37 15.50
CA ARG C 102 -26.06 13.15 14.19
C ARG C 102 -24.90 13.13 13.20
N LEU C 103 -24.90 12.16 12.30
CA LEU C 103 -23.88 12.05 11.26
C LEU C 103 -24.06 13.22 10.29
N GLU C 104 -22.95 13.85 9.89
CA GLU C 104 -23.00 15.04 9.05
C GLU C 104 -21.87 14.97 8.00
N LYS C 105 -22.16 15.36 6.76
CA LYS C 105 -21.18 15.29 5.67
C LYS C 105 -20.52 16.63 5.38
N ILE C 106 -19.20 16.70 5.46
CA ILE C 106 -18.45 17.93 5.16
C ILE C 106 -17.40 17.71 4.05
N LEU C 107 -16.89 18.79 3.47
CA LEU C 107 -15.87 18.72 2.42
C LEU C 107 -14.56 19.16 3.03
N VAL C 108 -13.52 18.32 2.97
CA VAL C 108 -12.21 18.65 3.53
C VAL C 108 -11.11 18.51 2.47
N SER C 109 -10.07 19.34 2.55
CA SER C 109 -8.93 19.25 1.63
C SER C 109 -7.91 18.35 2.31
N VAL C 110 -7.56 17.26 1.66
CA VAL C 110 -6.66 16.26 2.22
C VAL C 110 -5.22 16.29 1.68
N GLY C 111 -4.95 17.20 0.76
CA GLY C 111 -3.64 17.36 0.12
C GLY C 111 -3.80 18.15 -1.17
N CYS C 112 -2.73 18.26 -1.92
CA CYS C 112 -2.77 18.97 -3.21
C CYS C 112 -2.10 18.13 -4.30
N THR C 113 -2.58 18.32 -5.52
CA THR C 113 -2.08 17.67 -6.71
C THR C 113 -1.77 18.75 -7.79
N CYS C 114 -0.92 18.42 -8.75
CA CYS C 114 -0.56 19.38 -9.81
C CYS C 114 -1.29 18.99 -11.07
N VAL C 115 -2.07 19.92 -11.64
CA VAL C 115 -2.83 19.63 -12.86
C VAL C 115 -2.43 20.54 -14.02
N THR C 116 -2.68 20.08 -15.25
CA THR C 116 -2.47 20.91 -16.42
C THR C 116 -3.78 21.75 -16.56
N PRO C 117 -3.68 23.06 -16.77
CA PRO C 117 -4.90 23.89 -16.85
C PRO C 117 -5.70 23.70 -18.15
N PRO D 10 -17.78 9.36 27.13
CA PRO D 10 -18.40 8.07 27.52
C PRO D 10 -17.95 6.90 26.64
N ARG D 11 -18.18 5.66 27.10
CA ARG D 11 -17.79 4.50 26.30
C ARG D 11 -18.77 4.39 25.10
N THR D 12 -20.07 4.28 25.38
CA THR D 12 -21.07 4.18 24.32
C THR D 12 -21.86 5.48 24.15
N VAL D 13 -22.05 5.88 22.91
CA VAL D 13 -22.79 7.07 22.54
C VAL D 13 -23.82 6.67 21.50
N MET D 14 -24.82 7.51 21.29
CA MET D 14 -25.84 7.23 20.28
C MET D 14 -25.57 8.10 19.07
N VAL D 15 -25.69 7.52 17.87
CA VAL D 15 -25.51 8.26 16.64
C VAL D 15 -26.70 8.10 15.71
N ASN D 16 -27.26 9.21 15.25
CA ASN D 16 -28.34 9.18 14.27
C ASN D 16 -27.66 9.23 12.88
N LEU D 17 -27.75 8.14 12.10
CA LEU D 17 -27.10 8.02 10.80
C LEU D 17 -27.79 8.78 9.66
N ASN D 18 -28.98 9.33 9.91
CA ASN D 18 -29.71 10.06 8.90
C ASN D 18 -29.15 11.44 8.78
N ILE D 19 -28.31 11.65 7.76
CA ILE D 19 -27.67 12.93 7.54
C ILE D 19 -28.67 13.99 7.09
N HIS D 20 -28.59 15.20 7.66
CA HIS D 20 -29.50 16.31 7.30
C HIS D 20 -28.89 17.24 6.25
N SER D 32 -13.43 14.44 -9.21
CA SER D 32 -13.55 15.50 -10.21
C SER D 32 -12.61 15.18 -11.41
N ASP D 33 -12.20 16.19 -12.19
CA ASP D 33 -11.24 15.99 -13.27
C ASP D 33 -9.81 15.80 -12.73
N TYR D 34 -9.56 16.12 -11.43
CA TYR D 34 -8.25 16.04 -10.78
C TYR D 34 -7.54 14.72 -11.06
N TYR D 35 -8.21 13.60 -10.73
CA TYR D 35 -7.70 12.23 -10.91
C TYR D 35 -7.13 11.97 -12.31
N ASN D 36 -7.60 12.73 -13.35
CA ASN D 36 -7.19 12.61 -14.76
C ASN D 36 -6.21 13.67 -15.25
N ARG D 37 -6.43 14.94 -14.91
CA ARG D 37 -5.54 16.01 -15.34
C ARG D 37 -4.23 16.12 -14.56
N SER D 38 -4.14 15.44 -13.42
CA SER D 38 -2.98 15.49 -12.55
C SER D 38 -1.72 14.95 -13.22
N THR D 39 -0.56 15.52 -12.87
CA THR D 39 0.70 14.96 -13.33
C THR D 39 0.99 13.61 -12.60
N SER D 40 0.27 13.32 -11.49
CA SER D 40 0.35 12.05 -10.76
C SER D 40 -1.09 11.50 -10.77
N PRO D 41 -1.65 11.14 -11.96
CA PRO D 41 -3.06 10.70 -11.99
C PRO D 41 -3.28 9.38 -11.26
N TRP D 42 -4.52 9.13 -10.89
CA TRP D 42 -4.87 7.94 -10.16
C TRP D 42 -6.20 7.36 -10.62
N ASN D 43 -6.44 6.10 -10.27
CA ASN D 43 -7.71 5.42 -10.49
C ASN D 43 -8.33 5.12 -9.12
N LEU D 44 -9.66 4.99 -9.08
CA LEU D 44 -10.34 4.67 -7.84
C LEU D 44 -10.64 3.20 -7.76
N HIS D 45 -10.27 2.58 -6.65
CA HIS D 45 -10.52 1.18 -6.38
C HIS D 45 -11.57 1.11 -5.27
N ARG D 46 -12.60 0.32 -5.51
CA ARG D 46 -13.68 0.09 -4.58
C ARG D 46 -13.23 -0.90 -3.50
N ASN D 47 -13.15 -0.45 -2.25
CA ASN D 47 -12.80 -1.27 -1.10
C ASN D 47 -14.13 -1.50 -0.38
N GLU D 48 -14.61 -2.75 -0.39
CA GLU D 48 -15.88 -3.07 0.23
C GLU D 48 -15.72 -3.97 1.43
N ASP D 49 -16.42 -3.64 2.52
CA ASP D 49 -16.44 -4.44 3.72
C ASP D 49 -17.85 -4.38 4.30
N PRO D 50 -18.59 -5.52 4.23
CA PRO D 50 -19.96 -5.52 4.78
C PRO D 50 -20.04 -5.39 6.30
N GLU D 51 -18.93 -5.59 7.00
CA GLU D 51 -18.86 -5.45 8.46
C GLU D 51 -18.44 -4.05 8.93
N ARG D 52 -18.46 -3.07 8.03
CA ARG D 52 -17.99 -1.72 8.31
C ARG D 52 -18.97 -0.67 7.80
N TYR D 53 -19.01 0.49 8.48
CA TYR D 53 -19.76 1.64 8.01
C TYR D 53 -18.73 2.79 7.92
N PRO D 54 -18.53 3.43 6.75
CA PRO D 54 -19.16 3.15 5.45
C PRO D 54 -18.69 1.81 4.89
N SER D 55 -19.59 1.04 4.25
CA SER D 55 -19.20 -0.27 3.72
C SER D 55 -18.29 -0.13 2.50
N VAL D 56 -18.51 0.92 1.70
CA VAL D 56 -17.70 1.16 0.52
C VAL D 56 -16.79 2.38 0.68
N ILE D 57 -15.48 2.17 0.50
CA ILE D 57 -14.50 3.26 0.56
C ILE D 57 -13.74 3.25 -0.76
N TRP D 58 -13.70 4.39 -1.46
CA TRP D 58 -12.98 4.46 -2.73
C TRP D 58 -11.55 4.92 -2.48
N GLU D 59 -10.58 4.05 -2.79
CA GLU D 59 -9.17 4.36 -2.59
C GLU D 59 -8.44 4.69 -3.87
N ALA D 60 -7.52 5.65 -3.82
CA ALA D 60 -6.75 6.03 -4.98
C ALA D 60 -5.55 5.14 -5.19
N LYS D 61 -5.27 4.77 -6.42
CA LYS D 61 -4.09 3.99 -6.77
C LYS D 61 -3.41 4.78 -7.90
N CYS D 62 -2.15 5.23 -7.72
CA CYS D 62 -1.46 6.00 -8.76
C CYS D 62 -1.31 5.21 -10.05
N ARG D 63 -1.55 5.84 -11.20
CA ARG D 63 -1.40 5.15 -12.50
C ARG D 63 0.05 4.89 -12.86
N HIS D 64 0.96 5.78 -12.47
CA HIS D 64 2.36 5.65 -12.85
C HIS D 64 3.32 5.66 -11.67
N LEU D 65 4.55 5.23 -11.90
CA LEU D 65 5.62 5.35 -10.92
C LEU D 65 6.21 6.77 -11.03
N GLY D 66 6.36 7.28 -12.26
CA GLY D 66 6.83 8.64 -12.48
C GLY D 66 5.67 9.61 -12.59
N CYS D 67 5.95 10.84 -13.03
CA CYS D 67 4.93 11.87 -13.20
C CYS D 67 4.81 12.28 -14.67
N ILE D 68 3.65 12.72 -15.11
CA ILE D 68 3.42 13.18 -16.47
C ILE D 68 3.98 14.60 -16.68
N ASN D 69 4.80 14.78 -17.72
CA ASN D 69 5.38 16.09 -18.02
C ASN D 69 4.49 16.92 -18.99
N ALA D 70 4.98 18.11 -19.39
CA ALA D 70 4.32 19.03 -20.32
C ALA D 70 3.95 18.35 -21.66
N ASP D 71 4.83 17.47 -22.17
CA ASP D 71 4.61 16.74 -23.41
C ASP D 71 3.66 15.53 -23.30
N GLY D 72 3.14 15.25 -22.11
CA GLY D 72 2.28 14.10 -21.88
C GLY D 72 3.03 12.79 -21.76
N ASN D 73 4.35 12.85 -21.50
CA ASN D 73 5.20 11.67 -21.31
C ASN D 73 5.51 11.46 -19.83
N VAL D 74 5.88 10.23 -19.46
CA VAL D 74 6.26 9.94 -18.09
C VAL D 74 7.68 10.36 -17.81
N ASP D 75 7.85 11.27 -16.87
CA ASP D 75 9.13 11.76 -16.39
C ASP D 75 9.51 10.88 -15.18
N TYR D 76 10.56 10.08 -15.29
CA TYR D 76 10.98 9.23 -14.18
C TYR D 76 11.87 9.95 -13.16
N HIS D 77 12.20 11.24 -13.37
CA HIS D 77 12.96 12.01 -12.39
C HIS D 77 12.06 12.38 -11.20
N MET D 78 10.73 12.34 -11.36
CA MET D 78 9.73 12.62 -10.33
C MET D 78 8.94 11.34 -10.02
N ASN D 79 8.30 11.27 -8.84
CA ASN D 79 7.50 10.09 -8.48
C ASN D 79 6.06 10.41 -8.15
N SER D 80 5.12 9.60 -8.62
CA SER D 80 3.74 9.69 -8.16
C SER D 80 3.67 8.95 -6.79
N VAL D 81 3.11 9.57 -5.76
CA VAL D 81 2.98 8.92 -4.45
C VAL D 81 1.54 9.08 -3.99
N PRO D 82 0.94 8.02 -3.41
CA PRO D 82 -0.42 8.18 -2.85
C PRO D 82 -0.38 8.96 -1.54
N ILE D 83 -1.41 9.79 -1.30
CA ILE D 83 -1.50 10.54 -0.06
C ILE D 83 -2.33 9.69 0.90
N GLN D 84 -1.70 9.17 1.94
CA GLN D 84 -2.37 8.30 2.90
C GLN D 84 -2.88 9.07 4.12
N GLN D 85 -4.14 8.92 4.46
CA GLN D 85 -4.77 9.59 5.59
C GLN D 85 -5.29 8.55 6.59
N GLU D 86 -5.19 8.86 7.88
CA GLU D 86 -5.78 8.03 8.92
C GLU D 86 -7.22 8.48 9.05
N ILE D 87 -8.16 7.59 8.71
CA ILE D 87 -9.60 7.88 8.85
C ILE D 87 -10.25 6.89 9.84
N LEU D 88 -11.39 7.28 10.40
CA LEU D 88 -12.15 6.47 11.35
C LEU D 88 -13.30 5.79 10.63
N VAL D 89 -13.52 4.53 10.91
CA VAL D 89 -14.65 3.76 10.39
C VAL D 89 -15.41 3.12 11.60
N LEU D 90 -16.61 2.63 11.36
CA LEU D 90 -17.38 1.94 12.37
C LEU D 90 -17.31 0.44 12.03
N ARG D 91 -16.84 -0.40 12.95
CA ARG D 91 -16.86 -1.85 12.73
C ARG D 91 -18.02 -2.45 13.54
N ARG D 92 -18.86 -3.29 12.92
CA ARG D 92 -19.99 -3.91 13.61
C ARG D 92 -19.53 -4.73 14.80
N GLU D 93 -20.11 -4.44 15.97
CA GLU D 93 -19.74 -5.15 17.19
C GLU D 93 -20.99 -5.40 18.03
N PRO D 94 -21.41 -6.66 18.24
CA PRO D 94 -20.82 -7.92 17.73
C PRO D 94 -20.89 -8.03 16.20
N PRO D 95 -20.13 -8.96 15.58
CA PRO D 95 -20.19 -9.05 14.11
C PRO D 95 -21.60 -9.26 13.57
N HIS D 96 -21.90 -8.62 12.43
CA HIS D 96 -23.18 -8.64 11.72
C HIS D 96 -24.25 -7.75 12.34
N SER D 97 -23.96 -7.09 13.47
CA SER D 97 -24.94 -6.21 14.13
C SER D 97 -25.33 -5.04 13.25
N PRO D 98 -26.64 -4.82 13.09
CA PRO D 98 -27.06 -3.68 12.25
C PRO D 98 -27.04 -2.34 12.95
N ASN D 99 -26.88 -2.31 14.28
CA ASN D 99 -27.04 -1.08 15.03
C ASN D 99 -26.07 -0.81 16.16
N SER D 100 -24.93 -1.51 16.20
CA SER D 100 -23.94 -1.29 17.27
C SER D 100 -22.55 -1.49 16.70
N PHE D 101 -21.66 -0.55 17.02
CA PHE D 101 -20.35 -0.50 16.38
C PHE D 101 -19.24 -0.08 17.34
N ARG D 102 -18.00 -0.30 16.93
CA ARG D 102 -16.85 0.24 17.64
C ARG D 102 -16.06 1.09 16.65
N LEU D 103 -15.58 2.24 17.08
CA LEU D 103 -14.79 3.13 16.26
C LEU D 103 -13.45 2.47 16.00
N GLU D 104 -12.97 2.55 14.76
CA GLU D 104 -11.72 1.89 14.36
C GLU D 104 -10.93 2.80 13.41
N LYS D 105 -9.61 2.85 13.56
CA LYS D 105 -8.76 3.70 12.72
C LYS D 105 -8.10 2.94 11.58
N ILE D 106 -8.30 3.37 10.34
CA ILE D 106 -7.69 2.75 9.17
C ILE D 106 -6.89 3.80 8.35
N LEU D 107 -6.02 3.33 7.47
CA LEU D 107 -5.23 4.13 6.56
C LEU D 107 -5.85 4.03 5.18
N VAL D 108 -6.20 5.15 4.54
CA VAL D 108 -6.76 5.13 3.19
C VAL D 108 -5.95 6.07 2.24
N SER D 109 -5.86 5.74 0.95
CA SER D 109 -5.24 6.60 -0.06
C SER D 109 -6.35 7.47 -0.64
N VAL D 110 -6.20 8.78 -0.49
CA VAL D 110 -7.19 9.75 -0.92
C VAL D 110 -6.87 10.49 -2.25
N GLY D 111 -5.75 10.16 -2.86
CA GLY D 111 -5.30 10.77 -4.10
C GLY D 111 -3.81 10.58 -4.25
N CYS D 112 -3.25 11.15 -5.30
CA CYS D 112 -1.80 11.06 -5.52
C CYS D 112 -1.24 12.45 -5.70
N THR D 113 0.02 12.62 -5.32
CA THR D 113 0.75 13.84 -5.52
C THR D 113 2.09 13.48 -6.22
N CYS D 114 2.74 14.45 -6.84
CA CYS D 114 4.02 14.21 -7.48
C CYS D 114 5.12 14.72 -6.58
N VAL D 115 6.14 13.90 -6.25
CA VAL D 115 7.25 14.36 -5.39
C VAL D 115 8.63 14.31 -6.08
N THR D 116 9.49 15.21 -5.66
CA THR D 116 10.85 15.26 -6.15
C THR D 116 11.65 14.24 -5.32
N PRO D 117 12.59 13.52 -5.94
CA PRO D 117 13.37 12.53 -5.20
C PRO D 117 14.30 13.11 -4.13
N ILE D 118 14.66 12.30 -3.13
CA ILE D 118 15.62 12.71 -2.13
C ILE D 118 17.02 12.75 -2.77
N VAL D 119 17.83 13.74 -2.39
CA VAL D 119 19.20 13.85 -2.92
C VAL D 119 20.27 13.44 -1.88
N HIS D 120 19.88 13.31 -0.60
CA HIS D 120 20.76 12.88 0.49
C HIS D 120 19.94 12.38 1.68
S SO4 E . 0.99 -8.50 -19.73
O1 SO4 E . -0.01 -7.42 -19.72
O2 SO4 E . 0.36 -9.78 -19.38
O3 SO4 E . 1.66 -8.64 -21.08
O4 SO4 E . 1.95 -8.11 -18.67
S SO4 F . 34.60 -7.65 -8.48
O1 SO4 F . 34.61 -6.25 -8.93
O2 SO4 F . 35.58 -7.83 -7.40
O3 SO4 F . 33.29 -8.05 -7.95
O4 SO4 F . 34.97 -8.58 -9.56
S SO4 G . -1.95 -5.76 18.63
O1 SO4 G . -0.98 -4.79 18.09
O2 SO4 G . -1.48 -7.15 18.45
O3 SO4 G . -2.14 -5.42 20.06
O4 SO4 G . -3.21 -5.59 17.88
C1 A1ISG H . 16.31 -6.58 -10.41
C2 A1ISG H . 17.75 -6.29 -10.89
C3 A1ISG H . 18.15 -7.39 -11.90
C14 A1ISG H . 14.42 -11.95 -8.32
C16 A1ISG H . 14.51 -13.91 -6.87
C17 A1ISG H . 13.98 -14.20 -8.06
C19 A1ISG H . 14.70 -14.91 -5.74
C21 A1ISG H . 12.54 -14.22 -4.49
C22 A1ISG H . 11.24 -15.04 -4.18
C24 A1ISG H . 12.80 -16.42 -5.25
C26 A1ISG H . 10.10 -14.45 -5.06
C30 A1ISG H . 13.37 -6.78 -7.89
C4 A1ISG H . 18.11 -8.83 -11.33
C5 A1ISG H . 16.82 -9.15 -10.56
C6 A1ISG H . 16.31 -7.97 -9.68
F7 A1ISG H . 19.39 -7.18 -12.34
F8 A1ISG H . 17.39 -7.34 -12.99
C9 A1ISG H . 14.93 -8.29 -9.04
C10 A1ISG H . 14.92 -9.61 -8.33
N11 A1ISG H . 14.62 -7.22 -8.09
N12 A1ISG H . 14.46 -10.73 -8.93
O13 A1ISG H . 15.31 -9.62 -7.18
S15 A1ISG H . 14.97 -12.23 -6.69
N18 A1ISG H . 13.95 -12.99 -8.85
N20 A1ISG H . 13.37 -15.20 -5.17
N23 A1ISG H . 11.58 -16.37 -4.67
O25 A1ISG H . 13.28 -17.42 -5.76
F27 A1ISG H . 8.90 -15.06 -4.85
F28 A1ISG H . 9.98 -13.11 -4.77
F29 A1ISG H . 10.44 -14.56 -6.38
C31 A1ISG H . 13.20 -5.66 -6.93
O32 A1ISG H . 12.44 -7.25 -8.52
C33 A1ISG H . 12.11 -5.11 -6.40
F34 A1ISG H . 14.32 -5.09 -6.50
C35 A1ISG H . 10.68 -5.47 -6.58
C36 A1ISG H . 9.96 -5.73 -5.22
C37 A1ISG H . 9.65 -4.45 -6.02
S SO4 I . 13.99 -0.76 -27.07
O1 SO4 I . 13.44 -0.63 -25.73
O2 SO4 I . 15.26 -1.47 -27.02
O3 SO4 I . 13.15 -1.65 -27.90
O4 SO4 I . 13.90 0.62 -27.53
S SO4 J . -8.36 -28.05 1.74
O1 SO4 J . -8.82 -26.75 2.25
O2 SO4 J . -9.48 -28.99 1.84
O3 SO4 J . -7.88 -28.06 0.34
O4 SO4 J . -7.29 -28.77 2.46
C1 A1ISG K . -16.92 8.14 10.40
C2 A1ISG K . -17.40 7.42 11.67
C3 A1ISG K . -17.64 8.43 12.81
C14 A1ISG K . -12.63 12.29 10.21
C16 A1ISG K . -10.45 13.16 10.74
C17 A1ISG K . -11.37 14.11 10.75
C19 A1ISG K . -8.98 13.40 10.99
C21 A1ISG K . -8.53 13.26 8.48
C22 A1ISG K . -7.85 14.30 7.52
C24 A1ISG K . -7.84 15.14 9.71
C26 A1ISG K . -8.88 14.80 6.47
C30 A1ISG K . -15.20 8.80 7.16
C4 A1ISG K . -16.38 9.28 13.14
C5 A1ISG K . -15.83 10.00 11.88
C6 A1ISG K . -15.64 8.96 10.74
F7 A1ISG K . -18.03 7.75 13.91
F8 A1ISG K . -18.66 9.29 12.50
C9 A1ISG K . -15.08 9.60 9.44
C10 A1ISG K . -13.74 10.25 9.66
N11 A1ISG K . -14.95 8.56 8.44
N12 A1ISG K . -13.73 11.55 9.96
O13 A1ISG K . -12.73 9.60 9.51
S15 A1ISG K . -11.06 11.57 10.32
N18 A1ISG K . -12.65 13.52 10.46
N20 A1ISG K . -8.45 13.94 9.75
N23 A1ISG K . -7.47 15.38 8.43
O25 A1ISG K . -7.64 15.87 10.66
F27 A1ISG K . -8.38 15.85 5.75
F28 A1ISG K . -9.19 13.76 5.64
F29 A1ISG K . -10.05 15.16 7.07
C31 A1ISG K . -15.05 7.65 6.23
O32 A1ISG K . -15.53 9.92 6.81
C33 A1ISG K . -15.12 7.61 4.90
F34 A1ISG K . -14.81 6.47 6.80
C35 A1ISG K . -15.36 8.73 3.94
C36 A1ISG K . -14.23 8.89 2.87
C37 A1ISG K . -15.57 8.21 2.49
S SO4 L . -34.69 12.43 12.37
O1 SO4 L . -35.03 13.69 11.67
O2 SO4 L . -35.89 11.62 12.57
O3 SO4 L . -33.71 11.76 11.49
O4 SO4 L . -34.11 12.68 13.70
S SO4 M . 5.18 4.13 -15.35
O1 SO4 M . 5.56 5.38 -14.70
O2 SO4 M . 4.92 3.10 -14.33
O3 SO4 M . 3.94 4.38 -16.11
O4 SO4 M . 6.25 3.46 -16.10
#